data_4DTA
#
_entry.id   4DTA
#
_cell.length_a   42.113
_cell.length_b   101.055
_cell.length_c   73.031
_cell.angle_alpha   90.00
_cell.angle_beta   99.94
_cell.angle_gamma   90.00
#
_symmetry.space_group_name_H-M   'P 1 21 1'
#
loop_
_entity.id
_entity.type
_entity.pdbx_description
1 polymer "APH(2'')-Id"
2 non-polymer ADENOSINE
3 water water
#
_entity_poly.entity_id   1
_entity_poly.type   'polypeptide(L)'
_entity_poly.pdbx_seq_one_letter_code
;MRTYTFDQVEKAIEQLYPDFTINTIEISGEGNDCIAYEINRDFIFKFPKHSRGSTNLFNEVNILKRIHNKLPLPIPEVVF
TGMPSETYQMSFAGMTKIKGVPLTPLLLNNLPKQSQNQAAKDLARFLSELHSINISGFKSNLVLDFREKINEDNKKIKKL
LSRELKGPQMKKVDDFYRDILENEIYFKYYPCLIHNDFSSDHILFDTEKNTICGIIDFGDAAISDPDNDFISLMEDDEEY
GMEFVSKILNHYKHKDIPTVLEKYRMKEKYWSFEKIIYGKEYGYMDWYEEGLNEIRSIKIKLEHHHHHH
;
_entity_poly.pdbx_strand_id   A,B
#
loop_
_chem_comp.id
_chem_comp.type
_chem_comp.name
_chem_comp.formula
ADN non-polymer ADENOSINE 'C10 H13 N5 O4'
#
# COMPACT_ATOMS: atom_id res chain seq x y z
N MET A 1 10.34 -0.35 -15.82
CA MET A 1 11.28 -0.86 -14.81
C MET A 1 12.57 -0.09 -14.83
N ARG A 2 13.29 -0.18 -13.72
CA ARG A 2 14.52 0.53 -13.53
C ARG A 2 15.64 -0.39 -13.05
N THR A 3 16.84 -0.24 -13.62
CA THR A 3 18.07 -0.77 -13.05
C THR A 3 18.94 0.34 -12.40
N TYR A 4 20.05 -0.06 -11.79
CA TYR A 4 20.85 0.86 -10.97
C TYR A 4 22.30 0.68 -11.37
N THR A 5 23.08 1.76 -11.33
CA THR A 5 24.53 1.67 -11.43
C THR A 5 25.09 1.40 -10.01
N PHE A 6 26.25 0.73 -9.95
CA PHE A 6 27.06 0.65 -8.74
C PHE A 6 27.24 2.06 -8.10
N ASP A 7 27.47 3.07 -8.92
CA ASP A 7 27.66 4.44 -8.37
C ASP A 7 26.39 4.87 -7.59
N GLN A 8 25.22 4.73 -8.21
CA GLN A 8 23.90 5.04 -7.59
C GLN A 8 23.64 4.26 -6.29
N VAL A 9 23.95 2.98 -6.29
CA VAL A 9 23.65 2.16 -5.15
C VAL A 9 24.48 2.75 -4.03
N GLU A 10 25.76 2.97 -4.31
CA GLU A 10 26.64 3.56 -3.28
C GLU A 10 26.28 5.01 -2.85
N LYS A 11 25.89 5.89 -3.78
CA LYS A 11 25.36 7.24 -3.35
C LYS A 11 24.11 7.18 -2.50
N ALA A 12 23.22 6.22 -2.81
CA ALA A 12 21.97 6.10 -2.02
C ALA A 12 22.26 5.65 -0.55
N ILE A 13 23.21 4.74 -0.40
CA ILE A 13 23.59 4.29 0.93
C ILE A 13 24.41 5.37 1.68
N GLU A 14 25.30 6.05 0.97
CA GLU A 14 26.12 7.12 1.55
C GLU A 14 25.24 8.22 2.09
N GLN A 15 24.21 8.64 1.37
CA GLN A 15 23.30 9.73 1.89
C GLN A 15 22.72 9.51 3.31
N LEU A 16 22.42 8.26 3.67
CA LEU A 16 21.72 7.98 4.92
C LEU A 16 22.64 7.29 5.89
N TYR A 17 23.71 6.70 5.36
CA TYR A 17 24.71 6.06 6.20
C TYR A 17 26.16 6.51 5.86
N PRO A 18 26.48 7.77 6.17
CA PRO A 18 27.76 8.27 5.66
C PRO A 18 29.02 7.56 6.22
N ASP A 19 28.92 6.90 7.37
CA ASP A 19 30.12 6.30 7.94
C ASP A 19 30.27 4.83 7.54
N PHE A 20 29.31 4.30 6.79
CA PHE A 20 29.43 2.91 6.35
C PHE A 20 30.31 2.80 5.09
N THR A 21 31.52 2.23 5.20
CA THR A 21 32.38 2.22 4.02
C THR A 21 32.16 0.97 3.20
N ILE A 22 32.07 1.16 1.90
CA ILE A 22 31.69 0.09 1.02
C ILE A 22 32.97 -0.18 0.37
N ASN A 23 33.41 -1.42 0.50
CA ASN A 23 34.65 -1.86 -0.09
C ASN A 23 34.38 -2.67 -1.36
N THR A 24 33.41 -3.57 -1.31
CA THR A 24 33.07 -4.39 -2.45
C THR A 24 31.59 -4.29 -2.66
N ILE A 25 31.19 -4.27 -3.94
CA ILE A 25 29.79 -4.21 -4.31
C ILE A 25 29.60 -5.06 -5.57
N GLU A 26 28.70 -6.04 -5.51
CA GLU A 26 28.38 -6.87 -6.67
C GLU A 26 26.88 -7.17 -6.74
N ILE A 27 26.33 -7.26 -7.95
CA ILE A 27 25.00 -7.85 -8.15
C ILE A 27 25.04 -9.31 -7.56
N SER A 28 24.19 -9.65 -6.61
CA SER A 28 24.07 -11.07 -6.20
C SER A 28 22.92 -11.82 -6.85
N GLY A 29 21.94 -11.08 -7.36
CA GLY A 29 20.82 -11.67 -8.07
C GLY A 29 19.73 -10.64 -8.32
N GLU A 30 18.56 -11.13 -8.64
CA GLU A 30 17.47 -10.34 -9.19
C GLU A 30 16.18 -11.12 -8.98
N GLY A 31 15.16 -10.50 -8.40
CA GLY A 31 13.81 -11.08 -8.42
C GLY A 31 12.90 -10.28 -9.33
N ASN A 32 11.60 -10.42 -9.15
CA ASN A 32 10.64 -9.62 -9.89
C ASN A 32 10.51 -8.25 -9.27
N ASP A 33 10.65 -8.21 -7.96
CA ASP A 33 10.59 -6.99 -7.20
C ASP A 33 11.88 -6.17 -7.18
N CYS A 34 13.01 -6.82 -6.90
CA CYS A 34 14.23 -6.07 -6.63
C CYS A 34 15.45 -6.66 -7.34
N ILE A 35 16.49 -5.84 -7.50
CA ILE A 35 17.84 -6.27 -7.87
C ILE A 35 18.58 -6.33 -6.52
N ALA A 36 19.38 -7.37 -6.30
CA ALA A 36 20.12 -7.53 -5.04
C ALA A 36 21.64 -7.27 -5.22
N TYR A 37 22.19 -6.46 -4.31
CA TYR A 37 23.58 -6.15 -4.30
C TYR A 37 24.20 -6.73 -3.07
N GLU A 38 25.28 -7.47 -3.25
CA GLU A 38 26.14 -7.97 -2.16
C GLU A 38 27.20 -6.92 -1.84
N ILE A 39 27.19 -6.47 -0.58
CA ILE A 39 28.09 -5.42 -0.12
C ILE A 39 29.04 -5.92 0.96
N ASN A 40 30.33 -5.72 0.74
CA ASN A 40 31.33 -6.17 1.74
C ASN A 40 31.23 -7.65 2.06
N ARG A 41 30.61 -8.43 1.15
CA ARG A 41 30.34 -9.85 1.36
C ARG A 41 29.65 -10.12 2.70
N ASP A 42 29.12 -9.05 3.29
CA ASP A 42 28.44 -9.09 4.58
C ASP A 42 26.93 -8.84 4.47
N PHE A 43 26.52 -8.05 3.47
CA PHE A 43 25.14 -7.56 3.44
C PHE A 43 24.58 -7.80 2.06
N ILE A 44 23.28 -8.01 2.02
CA ILE A 44 22.52 -7.97 0.76
C ILE A 44 21.59 -6.78 0.79
N PHE A 45 21.79 -5.84 -0.14
CA PHE A 45 20.92 -4.68 -0.23
C PHE A 45 20.00 -4.85 -1.44
N LYS A 46 18.70 -4.82 -1.17
CA LYS A 46 17.69 -4.79 -2.22
C LYS A 46 17.27 -3.38 -2.71
N PHE A 47 17.27 -3.25 -4.03
CA PHE A 47 16.83 -2.03 -4.67
C PHE A 47 15.66 -2.37 -5.59
N PRO A 48 14.56 -1.64 -5.41
CA PRO A 48 13.28 -1.92 -6.06
C PRO A 48 13.36 -1.60 -7.51
N LYS A 49 12.87 -2.51 -8.37
CA LYS A 49 12.84 -2.27 -9.79
C LYS A 49 11.70 -1.34 -10.22
N HIS A 50 10.68 -1.24 -9.36
CA HIS A 50 9.47 -0.45 -9.58
C HIS A 50 8.73 -0.26 -8.30
N SER A 51 7.60 0.44 -8.38
CA SER A 51 6.87 0.83 -7.18
CA SER A 51 6.86 0.85 -7.19
C SER A 51 6.21 -0.33 -6.54
N ARG A 52 5.63 -1.21 -7.35
CA ARG A 52 5.04 -2.43 -6.82
C ARG A 52 6.11 -3.20 -6.05
N GLY A 53 7.29 -3.31 -6.67
CA GLY A 53 8.47 -3.87 -6.04
C GLY A 53 8.86 -3.22 -4.71
N SER A 54 8.85 -1.88 -4.66
CA SER A 54 8.97 -1.14 -3.40
C SER A 54 8.10 -1.62 -2.24
N THR A 55 6.82 -1.70 -2.52
CA THR A 55 5.77 -2.08 -1.60
C THR A 55 6.09 -3.44 -0.99
N ASN A 56 6.48 -4.43 -1.83
CA ASN A 56 6.90 -5.75 -1.32
C ASN A 56 8.14 -5.71 -0.44
N LEU A 57 9.03 -4.81 -0.75
CA LEU A 57 10.26 -4.64 -0.01
C LEU A 57 9.96 -4.00 1.34
N PHE A 58 9.13 -2.96 1.35
CA PHE A 58 8.62 -2.36 2.60
C PHE A 58 7.94 -3.48 3.44
N ASN A 59 7.08 -4.26 2.81
CA ASN A 59 6.47 -5.40 3.50
C ASN A 59 7.52 -6.36 4.04
N GLU A 60 8.47 -6.74 3.19
CA GLU A 60 9.56 -7.68 3.58
C GLU A 60 10.34 -7.22 4.85
N VAL A 61 10.70 -5.93 4.86
CA VAL A 61 11.33 -5.30 6.02
C VAL A 61 10.47 -5.37 7.28
N ASN A 62 9.21 -5.03 7.18
CA ASN A 62 8.38 -5.03 8.36
C ASN A 62 8.23 -6.46 8.84
N ILE A 63 8.00 -7.40 7.93
CA ILE A 63 7.91 -8.80 8.35
C ILE A 63 9.23 -9.29 8.98
N LEU A 64 10.38 -8.96 8.36
CA LEU A 64 11.64 -9.46 8.89
C LEU A 64 11.81 -9.06 10.36
N LYS A 65 11.58 -7.78 10.64
CA LYS A 65 11.59 -7.25 11.98
C LYS A 65 10.61 -7.88 12.97
N ARG A 66 9.34 -8.12 12.55
CA ARG A 66 8.34 -8.70 13.46
C ARG A 66 8.71 -10.12 13.83
N ILE A 67 9.33 -10.86 12.88
CA ILE A 67 9.70 -12.26 13.11
C ILE A 67 11.14 -12.48 13.55
N HIS A 68 11.91 -11.42 13.69
CA HIS A 68 13.27 -11.56 14.13
C HIS A 68 13.44 -12.44 15.33
N ASN A 69 14.40 -13.34 15.29
CA ASN A 69 14.69 -14.16 16.49
C ASN A 69 13.53 -15.03 17.06
N LYS A 70 12.55 -15.40 16.26
CA LYS A 70 11.51 -16.19 16.83
C LYS A 70 11.43 -17.53 16.12
N LEU A 71 12.34 -17.76 15.16
CA LEU A 71 12.23 -18.91 14.24
C LEU A 71 13.53 -19.73 14.29
N PRO A 72 13.47 -21.05 13.98
CA PRO A 72 14.57 -21.99 14.25
C PRO A 72 15.59 -22.16 13.12
N LEU A 73 15.45 -21.38 12.04
CA LEU A 73 16.46 -21.33 11.00
C LEU A 73 16.83 -19.88 10.88
N PRO A 74 18.09 -19.57 10.45
CA PRO A 74 18.50 -18.17 10.26
C PRO A 74 17.68 -17.49 9.15
N ILE A 75 17.44 -16.19 9.33
CA ILE A 75 16.77 -15.37 8.35
C ILE A 75 17.50 -14.07 8.23
N PRO A 76 17.35 -13.38 7.09
CA PRO A 76 18.05 -12.07 7.00
C PRO A 76 17.62 -11.18 8.14
N GLU A 77 18.53 -10.37 8.65
CA GLU A 77 18.19 -9.41 9.66
C GLU A 77 18.28 -8.01 8.98
N VAL A 78 17.29 -7.15 9.17
CA VAL A 78 17.31 -5.83 8.52
C VAL A 78 18.31 -4.91 9.21
N VAL A 79 19.26 -4.33 8.48
CA VAL A 79 20.25 -3.47 9.13
C VAL A 79 20.18 -2.03 8.62
N PHE A 80 19.79 -1.87 7.38
CA PHE A 80 19.85 -0.61 6.72
C PHE A 80 18.54 -0.51 6.00
N THR A 81 17.90 0.65 6.07
CA THR A 81 16.65 0.91 5.35
C THR A 81 16.73 2.27 4.65
N GLY A 82 16.06 2.37 3.49
CA GLY A 82 16.02 3.62 2.73
C GLY A 82 14.82 4.46 3.18
N MET A 83 14.36 5.31 2.29
CA MET A 83 13.35 6.32 2.57
C MET A 83 12.27 6.20 1.51
N PRO A 84 11.04 6.60 1.87
CA PRO A 84 9.95 6.75 0.94
C PRO A 84 10.13 7.99 0.08
N SER A 85 9.71 7.87 -1.19
CA SER A 85 9.62 9.04 -2.07
C SER A 85 8.23 9.05 -2.74
N GLU A 86 8.08 9.77 -3.85
CA GLU A 86 6.82 9.76 -4.58
C GLU A 86 6.62 8.47 -5.39
N THR A 87 7.69 7.68 -5.52
CA THR A 87 7.77 6.50 -6.38
C THR A 87 7.95 5.17 -5.58
N TYR A 88 8.73 5.23 -4.50
CA TYR A 88 8.95 4.06 -3.68
C TYR A 88 8.50 4.26 -2.25
N GLN A 89 7.83 3.27 -1.72
CA GLN A 89 7.62 3.18 -0.29
C GLN A 89 8.91 3.05 0.47
N MET A 90 9.92 2.43 -0.16
CA MET A 90 11.22 2.25 0.45
CA MET A 90 11.21 2.14 0.44
C MET A 90 12.26 2.21 -0.64
N SER A 91 13.18 3.18 -0.62
CA SER A 91 14.22 3.22 -1.68
C SER A 91 15.18 2.01 -1.74
N PHE A 92 15.45 1.37 -0.59
CA PHE A 92 16.31 0.19 -0.52
C PHE A 92 16.23 -0.36 0.88
N ALA A 93 16.68 -1.60 1.06
CA ALA A 93 16.90 -2.15 2.38
C ALA A 93 18.13 -3.00 2.30
N GLY A 94 18.99 -2.93 3.33
CA GLY A 94 20.14 -3.81 3.44
C GLY A 94 19.93 -4.77 4.59
N MET A 95 20.10 -6.05 4.30
CA MET A 95 19.95 -7.12 5.28
C MET A 95 21.24 -7.92 5.41
N THR A 96 21.43 -8.63 6.52
CA THR A 96 22.56 -9.51 6.66
C THR A 96 22.51 -10.54 5.54
N LYS A 97 23.71 -10.92 5.14
CA LYS A 97 23.87 -11.96 4.15
C LYS A 97 23.85 -13.32 4.86
N ILE A 98 23.00 -14.21 4.38
CA ILE A 98 23.03 -15.58 4.85
C ILE A 98 23.82 -16.38 3.84
N LYS A 99 24.87 -17.05 4.32
CA LYS A 99 25.76 -17.77 3.41
C LYS A 99 25.12 -19.07 3.01
N GLY A 100 25.55 -19.62 1.90
CA GLY A 100 25.08 -20.91 1.46
C GLY A 100 24.54 -20.81 0.05
N VAL A 101 24.01 -21.94 -0.41
CA VAL A 101 23.55 -22.15 -1.77
C VAL A 101 22.08 -22.65 -1.78
N PRO A 102 21.33 -22.33 -2.83
CA PRO A 102 19.96 -22.83 -2.90
C PRO A 102 19.99 -24.33 -2.75
N LEU A 103 19.08 -24.90 -1.97
CA LEU A 103 18.89 -26.32 -1.90
C LEU A 103 18.11 -26.82 -3.13
N THR A 104 18.79 -26.96 -4.28
CA THR A 104 18.14 -27.44 -5.51
C THR A 104 17.71 -28.91 -5.32
N PRO A 105 16.63 -29.32 -6.02
CA PRO A 105 16.17 -30.72 -6.07
C PRO A 105 17.36 -31.63 -6.29
N LEU A 106 18.17 -31.30 -7.30
CA LEU A 106 19.40 -32.03 -7.63
C LEU A 106 20.29 -32.16 -6.37
N LEU A 107 20.59 -31.01 -5.75
CA LEU A 107 21.46 -31.03 -4.57
C LEU A 107 20.86 -31.93 -3.48
N LEU A 108 19.56 -31.88 -3.31
CA LEU A 108 18.90 -32.67 -2.27
C LEU A 108 18.87 -34.19 -2.54
N ASN A 109 18.61 -34.57 -3.78
CA ASN A 109 18.61 -35.95 -4.15
C ASN A 109 20.01 -36.54 -3.97
N ASN A 110 21.06 -35.74 -4.12
CA ASN A 110 22.42 -36.25 -3.98
C ASN A 110 22.93 -36.44 -2.55
N LEU A 111 22.28 -35.81 -1.59
CA LEU A 111 22.61 -35.99 -0.20
C LEU A 111 22.34 -37.42 0.31
N PRO A 112 23.10 -37.87 1.33
CA PRO A 112 22.76 -39.09 2.06
C PRO A 112 21.36 -39.03 2.74
N LYS A 113 20.75 -40.18 2.97
CA LYS A 113 19.37 -40.16 3.44
C LYS A 113 19.22 -39.36 4.73
N GLN A 114 20.21 -39.51 5.59
CA GLN A 114 20.22 -38.83 6.87
C GLN A 114 20.08 -37.29 6.71
N SER A 115 20.82 -36.68 5.79
CA SER A 115 20.74 -35.23 5.65
C SER A 115 19.44 -34.82 4.99
N GLN A 116 18.89 -35.69 4.16
CA GLN A 116 17.61 -35.47 3.50
C GLN A 116 16.53 -35.44 4.55
N ASN A 117 16.49 -36.49 5.39
CA ASN A 117 15.53 -36.56 6.47
C ASN A 117 15.63 -35.33 7.36
N GLN A 118 16.86 -34.92 7.64
CA GLN A 118 17.11 -33.79 8.53
C GLN A 118 16.64 -32.47 7.89
N ALA A 119 16.80 -32.32 6.56
CA ALA A 119 16.31 -31.15 5.87
C ALA A 119 14.77 -31.11 5.82
N ALA A 120 14.16 -32.29 5.74
CA ALA A 120 12.72 -32.39 5.80
C ALA A 120 12.25 -31.97 7.18
N LYS A 121 12.88 -32.46 8.23
CA LYS A 121 12.49 -32.03 9.56
C LYS A 121 12.79 -30.53 9.81
N ASP A 122 13.92 -30.01 9.34
CA ASP A 122 14.23 -28.62 9.61
C ASP A 122 13.24 -27.73 8.89
N LEU A 123 12.84 -28.12 7.68
CA LEU A 123 11.83 -27.34 7.02
C LEU A 123 10.49 -27.38 7.79
N ALA A 124 10.06 -28.56 8.30
CA ALA A 124 8.76 -28.65 8.99
C ALA A 124 8.76 -27.78 10.21
N ARG A 125 9.88 -27.76 10.91
CA ARG A 125 9.97 -27.09 12.17
C ARG A 125 9.98 -25.62 11.85
N PHE A 126 10.66 -25.25 10.77
CA PHE A 126 10.62 -23.86 10.38
C PHE A 126 9.18 -23.38 10.10
N LEU A 127 8.46 -24.09 9.22
CA LEU A 127 7.11 -23.65 8.82
C LEU A 127 6.13 -23.65 10.01
N SER A 128 6.34 -24.62 10.86
CA SER A 128 5.45 -24.88 11.96
C SER A 128 5.50 -23.69 12.94
N GLU A 129 6.71 -23.18 13.22
CA GLU A 129 6.89 -21.90 13.94
C GLU A 129 6.43 -20.66 13.16
N LEU A 130 6.70 -20.62 11.85
CA LEU A 130 6.27 -19.49 11.02
C LEU A 130 4.78 -19.37 11.03
N HIS A 131 4.12 -20.50 10.80
CA HIS A 131 2.65 -20.51 10.84
C HIS A 131 2.05 -20.30 12.17
N SER A 132 2.88 -20.23 13.24
CA SER A 132 2.31 -20.05 14.61
C SER A 132 2.44 -18.62 15.09
N ILE A 133 3.03 -17.79 14.25
CA ILE A 133 3.32 -16.44 14.67
C ILE A 133 2.02 -15.70 14.82
N ASN A 134 1.95 -14.91 15.87
CA ASN A 134 0.79 -14.10 16.15
C ASN A 134 0.52 -13.05 15.06
N ILE A 135 -0.67 -13.11 14.49
CA ILE A 135 -1.04 -12.29 13.34
C ILE A 135 -1.69 -10.96 13.75
N SER A 136 -2.12 -10.87 15.00
CA SER A 136 -3.00 -9.78 15.47
C SER A 136 -2.57 -8.34 15.04
N GLY A 137 -1.26 -8.09 14.92
CA GLY A 137 -0.78 -6.79 14.45
C GLY A 137 -0.80 -6.54 12.93
N PHE A 138 -0.81 -7.58 12.11
CA PHE A 138 -0.72 -7.41 10.66
C PHE A 138 -1.98 -6.81 10.03
N LYS A 139 -1.83 -5.67 9.38
CA LYS A 139 -2.96 -4.99 8.77
C LYS A 139 -3.30 -5.60 7.41
N SER A 140 -4.49 -5.24 6.91
CA SER A 140 -5.09 -5.79 5.68
C SER A 140 -4.18 -5.85 4.44
N ASN A 141 -3.26 -4.88 4.34
CA ASN A 141 -2.19 -4.92 3.35
C ASN A 141 -1.31 -6.18 3.40
N LEU A 142 -1.37 -6.93 4.50
CA LEU A 142 -0.62 -8.22 4.60
C LEU A 142 -1.57 -9.42 4.67
N VAL A 143 -2.86 -9.16 4.82
CA VAL A 143 -3.84 -10.20 4.85
C VAL A 143 -4.25 -10.49 3.41
N LEU A 144 -4.21 -11.76 3.04
CA LEU A 144 -4.58 -12.19 1.71
C LEU A 144 -5.64 -13.27 1.83
N ASP A 145 -6.89 -12.84 2.04
CA ASP A 145 -8.00 -13.77 2.15
C ASP A 145 -8.26 -14.31 0.75
N PHE A 146 -8.08 -15.61 0.62
CA PHE A 146 -8.15 -16.27 -0.66
C PHE A 146 -9.50 -16.14 -1.40
N ARG A 147 -10.61 -16.23 -0.71
CA ARG A 147 -11.85 -15.96 -1.38
C ARG A 147 -11.83 -14.54 -2.01
N GLU A 148 -11.50 -13.50 -1.25
CA GLU A 148 -11.35 -12.16 -1.82
C GLU A 148 -10.34 -12.11 -2.98
N LYS A 149 -9.17 -12.75 -2.83
CA LYS A 149 -8.22 -12.79 -3.93
C LYS A 149 -8.87 -13.41 -5.19
N ILE A 150 -9.61 -14.51 -5.05
CA ILE A 150 -10.21 -15.19 -6.22
C ILE A 150 -11.31 -14.32 -6.88
N ASN A 151 -12.12 -13.69 -6.03
CA ASN A 151 -13.08 -12.71 -6.54
C ASN A 151 -12.43 -11.48 -7.18
N GLU A 152 -11.48 -10.88 -6.51
CA GLU A 152 -10.67 -9.80 -7.11
C GLU A 152 -9.90 -10.20 -8.42
N ASP A 153 -9.33 -11.40 -8.52
CA ASP A 153 -8.66 -11.83 -9.73
C ASP A 153 -9.70 -11.96 -10.85
N ASN A 154 -10.86 -12.57 -10.53
CA ASN A 154 -11.91 -12.70 -11.50
C ASN A 154 -12.28 -11.36 -12.12
N LYS A 155 -12.57 -10.36 -11.30
CA LYS A 155 -12.79 -9.01 -11.82
C LYS A 155 -11.60 -8.48 -12.63
N LYS A 156 -10.35 -8.70 -12.21
CA LYS A 156 -9.20 -8.21 -13.03
C LYS A 156 -9.17 -8.94 -14.39
N ILE A 157 -9.36 -10.27 -14.38
CA ILE A 157 -9.34 -11.03 -15.64
C ILE A 157 -10.35 -10.42 -16.61
N LYS A 158 -11.53 -10.11 -16.10
CA LYS A 158 -12.60 -9.61 -16.90
C LYS A 158 -12.31 -8.21 -17.40
N LYS A 159 -11.76 -7.36 -16.53
CA LYS A 159 -11.46 -6.04 -17.00
C LYS A 159 -10.42 -6.14 -18.11
N LEU A 160 -9.41 -6.98 -17.91
CA LEU A 160 -8.28 -7.11 -18.83
C LEU A 160 -8.57 -7.81 -20.17
N LEU A 161 -9.43 -8.82 -20.13
CA LEU A 161 -9.62 -9.75 -21.23
C LEU A 161 -10.99 -9.64 -21.93
N SER A 162 -11.86 -8.80 -21.43
CA SER A 162 -13.19 -8.69 -22.01
C SER A 162 -13.18 -8.45 -23.53
N ARG A 163 -12.18 -7.73 -24.04
CA ARG A 163 -12.10 -7.47 -25.48
C ARG A 163 -11.19 -8.45 -26.18
N GLU A 164 -10.52 -9.31 -25.40
CA GLU A 164 -9.54 -10.28 -25.91
C GLU A 164 -10.09 -11.69 -26.13
N LEU A 165 -11.26 -11.99 -25.58
CA LEU A 165 -11.81 -13.36 -25.68
C LEU A 165 -13.12 -13.34 -26.41
N LYS A 166 -13.47 -14.48 -27.00
CA LYS A 166 -14.80 -14.68 -27.53
C LYS A 166 -15.83 -14.90 -26.42
N GLY A 167 -17.03 -15.35 -26.83
CA GLY A 167 -18.08 -15.85 -25.95
C GLY A 167 -17.69 -17.12 -25.23
N PRO A 168 -17.58 -18.25 -25.94
CA PRO A 168 -17.28 -19.55 -25.30
C PRO A 168 -16.03 -19.56 -24.44
N GLN A 169 -15.07 -18.73 -24.78
CA GLN A 169 -13.85 -18.71 -24.04
C GLN A 169 -14.03 -17.99 -22.72
N MET A 170 -14.75 -16.86 -22.67
CA MET A 170 -15.03 -16.14 -21.40
C MET A 170 -15.97 -17.01 -20.55
N LYS A 171 -16.90 -17.68 -21.20
CA LYS A 171 -17.70 -18.67 -20.54
C LYS A 171 -16.83 -19.70 -19.77
N LYS A 172 -15.81 -20.24 -20.44
CA LYS A 172 -14.90 -21.16 -19.75
C LYS A 172 -14.17 -20.50 -18.56
N VAL A 173 -13.83 -19.23 -18.68
CA VAL A 173 -13.29 -18.48 -17.54
C VAL A 173 -14.32 -18.42 -16.41
N ASP A 174 -15.54 -18.05 -16.76
CA ASP A 174 -16.64 -18.02 -15.79
C ASP A 174 -16.77 -19.38 -15.09
N ASP A 175 -16.98 -20.46 -15.87
CA ASP A 175 -17.15 -21.83 -15.34
C ASP A 175 -16.04 -22.24 -14.40
N PHE A 176 -14.81 -21.93 -14.78
CA PHE A 176 -13.66 -22.23 -13.94
C PHE A 176 -13.74 -21.50 -12.61
N TYR A 177 -13.91 -20.18 -12.66
CA TYR A 177 -14.07 -19.38 -11.45
C TYR A 177 -15.33 -19.76 -10.62
N ARG A 178 -16.43 -20.12 -11.25
CA ARG A 178 -17.57 -20.59 -10.49
C ARG A 178 -17.24 -21.90 -9.70
N ASP A 179 -16.45 -22.81 -10.30
CA ASP A 179 -16.12 -24.11 -9.67
C ASP A 179 -15.15 -23.91 -8.53
N ILE A 180 -14.12 -23.09 -8.75
CA ILE A 180 -13.21 -22.72 -7.66
C ILE A 180 -14.06 -22.22 -6.48
N LEU A 181 -14.89 -21.21 -6.72
CA LEU A 181 -15.71 -20.54 -5.70
C LEU A 181 -16.65 -21.45 -4.92
N GLU A 182 -17.10 -22.51 -5.57
CA GLU A 182 -18.04 -23.48 -5.05
C GLU A 182 -17.37 -24.41 -4.06
N ASN A 183 -16.05 -24.56 -4.20
CA ASN A 183 -15.35 -25.57 -3.46
C ASN A 183 -14.83 -25.00 -2.15
N GLU A 184 -15.48 -25.42 -1.08
CA GLU A 184 -15.24 -24.85 0.24
C GLU A 184 -13.87 -25.17 0.80
N ILE A 185 -13.26 -26.22 0.30
CA ILE A 185 -11.96 -26.60 0.79
C ILE A 185 -10.84 -25.57 0.58
N TYR A 186 -11.00 -24.63 -0.37
CA TYR A 186 -9.99 -23.57 -0.61
C TYR A 186 -10.00 -22.36 0.34
N PHE A 187 -11.05 -22.23 1.14
CA PHE A 187 -11.32 -20.96 1.82
C PHE A 187 -11.46 -21.09 3.30
N LYS A 188 -11.48 -22.33 3.78
CA LYS A 188 -11.72 -22.65 5.18
C LYS A 188 -10.40 -23.07 5.83
N TYR A 189 -9.46 -22.15 5.92
CA TYR A 189 -8.17 -22.43 6.54
C TYR A 189 -8.08 -21.49 7.70
N TYR A 190 -7.18 -21.77 8.63
CA TYR A 190 -6.90 -20.79 9.69
C TYR A 190 -5.83 -19.90 9.15
N PRO A 191 -6.18 -18.62 8.96
CA PRO A 191 -5.24 -17.69 8.33
C PRO A 191 -4.03 -17.58 9.20
N CYS A 192 -2.88 -17.39 8.60
CA CYS A 192 -1.69 -17.21 9.39
C CYS A 192 -0.53 -16.80 8.53
N LEU A 193 0.58 -16.48 9.19
CA LEU A 193 1.71 -15.95 8.50
C LEU A 193 2.35 -17.04 7.66
N ILE A 194 2.45 -16.78 6.36
CA ILE A 194 3.08 -17.73 5.47
C ILE A 194 4.21 -17.05 4.69
N HIS A 195 5.22 -17.83 4.31
CA HIS A 195 6.31 -17.32 3.47
C HIS A 195 5.79 -16.91 2.13
N ASN A 196 5.03 -17.79 1.48
CA ASN A 196 4.34 -17.52 0.23
C ASN A 196 5.22 -17.50 -1.00
N ASP A 197 6.52 -17.68 -0.81
CA ASP A 197 7.35 -17.99 -1.97
C ASP A 197 8.28 -19.13 -1.56
N PHE A 198 7.66 -20.15 -0.98
CA PHE A 198 8.46 -21.06 -0.26
C PHE A 198 8.97 -22.15 -1.18
N SER A 199 10.07 -21.84 -1.88
CA SER A 199 10.68 -22.77 -2.83
C SER A 199 12.21 -22.91 -2.67
N SER A 200 12.78 -23.82 -3.46
CA SER A 200 14.14 -24.23 -3.29
C SER A 200 15.12 -23.08 -3.51
N ASP A 201 14.72 -22.07 -4.30
CA ASP A 201 15.60 -20.92 -4.50
C ASP A 201 15.73 -20.06 -3.24
N HIS A 202 14.80 -20.24 -2.28
CA HIS A 202 14.76 -19.45 -1.04
C HIS A 202 15.15 -20.20 0.22
N ILE A 203 15.61 -21.43 0.02
CA ILE A 203 16.11 -22.34 1.05
C ILE A 203 17.64 -22.44 0.87
N LEU A 204 18.41 -21.85 1.77
CA LEU A 204 19.88 -21.88 1.61
C LEU A 204 20.49 -23.01 2.41
N PHE A 205 21.57 -23.56 1.83
CA PHE A 205 22.11 -24.81 2.33
C PHE A 205 23.60 -24.65 2.51
N ASP A 206 24.10 -25.31 3.55
CA ASP A 206 25.53 -25.34 3.90
C ASP A 206 26.08 -26.71 3.51
N THR A 207 26.90 -26.76 2.48
CA THR A 207 27.40 -28.06 2.01
C THR A 207 28.53 -28.54 2.87
N GLU A 208 29.08 -27.71 3.75
CA GLU A 208 30.12 -28.26 4.62
C GLU A 208 29.46 -29.06 5.75
N LYS A 209 28.26 -28.67 6.17
CA LYS A 209 27.63 -29.36 7.32
C LYS A 209 26.49 -30.27 6.83
N ASN A 210 26.14 -30.15 5.56
CA ASN A 210 24.96 -30.79 4.98
C ASN A 210 23.67 -30.44 5.69
N THR A 211 23.50 -29.15 5.94
CA THR A 211 22.32 -28.67 6.68
C THR A 211 21.87 -27.33 6.11
N ILE A 212 20.56 -27.10 6.21
CA ILE A 212 19.93 -25.92 5.73
C ILE A 212 20.42 -24.83 6.64
N CYS A 213 20.90 -23.71 6.12
CA CYS A 213 21.28 -22.58 6.96
C CYS A 213 20.57 -21.26 6.72
N GLY A 214 19.42 -21.24 6.06
CA GLY A 214 18.73 -19.98 5.99
C GLY A 214 17.47 -20.04 5.17
N ILE A 215 16.51 -19.16 5.53
CA ILE A 215 15.37 -18.85 4.70
C ILE A 215 15.41 -17.39 4.30
N ILE A 216 15.21 -17.12 3.01
CA ILE A 216 15.31 -15.76 2.48
C ILE A 216 14.11 -15.42 1.62
N ASP A 217 14.11 -14.18 1.15
CA ASP A 217 13.05 -13.62 0.32
C ASP A 217 11.65 -13.66 0.94
N PHE A 218 11.40 -12.68 1.80
CA PHE A 218 10.11 -12.64 2.48
C PHE A 218 9.18 -11.60 1.86
N GLY A 219 9.53 -11.09 0.68
CA GLY A 219 8.71 -10.10 -0.02
C GLY A 219 7.28 -10.48 -0.40
N ASP A 220 6.90 -11.77 -0.32
CA ASP A 220 5.52 -12.16 -0.59
C ASP A 220 4.78 -12.67 0.63
N ALA A 221 5.47 -12.73 1.78
CA ALA A 221 4.84 -13.21 3.02
C ALA A 221 3.53 -12.42 3.28
N ALA A 222 2.52 -13.13 3.77
CA ALA A 222 1.21 -12.56 3.94
C ALA A 222 0.51 -13.41 4.97
N ILE A 223 -0.68 -13.01 5.34
CA ILE A 223 -1.51 -13.78 6.22
C ILE A 223 -2.50 -14.51 5.33
N SER A 224 -2.35 -15.83 5.25
CA SER A 224 -3.10 -16.59 4.27
C SER A 224 -3.06 -18.06 4.67
N ASP A 225 -3.20 -18.94 3.68
CA ASP A 225 -3.38 -20.36 3.93
C ASP A 225 -2.03 -21.02 4.10
N PRO A 226 -1.75 -21.66 5.26
CA PRO A 226 -0.47 -22.33 5.45
C PRO A 226 -0.23 -23.43 4.43
N ASP A 227 -1.26 -23.99 3.83
CA ASP A 227 -0.98 -24.93 2.76
C ASP A 227 -0.18 -24.31 1.59
N ASN A 228 -0.09 -22.98 1.48
CA ASN A 228 0.63 -22.39 0.34
C ASN A 228 2.10 -22.75 0.42
N ASP A 229 2.64 -22.92 1.63
CA ASP A 229 4.04 -23.18 1.75
C ASP A 229 4.39 -24.65 1.49
N PHE A 230 3.44 -25.55 1.45
CA PHE A 230 3.73 -26.93 1.00
C PHE A 230 3.54 -27.01 -0.49
N ILE A 231 2.52 -26.35 -1.02
CA ILE A 231 2.30 -26.57 -2.43
C ILE A 231 3.41 -25.93 -3.32
N SER A 232 4.03 -24.83 -2.90
CA SER A 232 5.15 -24.24 -3.63
C SER A 232 6.41 -25.15 -3.67
N LEU A 233 6.48 -26.13 -2.76
CA LEU A 233 7.56 -27.14 -2.78
C LEU A 233 7.28 -28.35 -3.66
N MET A 234 6.01 -28.63 -3.97
CA MET A 234 5.61 -29.89 -4.58
C MET A 234 5.80 -29.95 -6.10
N GLU A 235 5.94 -28.79 -6.74
CA GLU A 235 6.05 -28.73 -8.21
C GLU A 235 7.11 -29.70 -8.79
N ASP A 236 6.67 -30.62 -9.63
CA ASP A 236 7.48 -31.82 -9.94
C ASP A 236 8.83 -31.62 -10.68
N ASP A 237 8.90 -30.67 -11.60
CA ASP A 237 10.12 -30.43 -12.40
C ASP A 237 11.03 -29.45 -11.67
N GLU A 238 10.55 -28.22 -11.51
CA GLU A 238 11.31 -27.17 -10.83
C GLU A 238 11.55 -27.40 -9.32
N GLU A 239 10.79 -28.27 -8.65
CA GLU A 239 10.84 -28.33 -7.17
C GLU A 239 11.03 -29.76 -6.60
N TYR A 240 10.70 -30.00 -5.32
CA TYR A 240 11.06 -31.29 -4.66
C TYR A 240 10.23 -32.56 -4.95
N GLY A 241 8.96 -32.45 -5.30
CA GLY A 241 8.14 -33.66 -5.54
C GLY A 241 7.47 -34.14 -4.27
N MET A 242 6.60 -35.14 -4.37
CA MET A 242 5.75 -35.48 -3.24
C MET A 242 6.37 -36.35 -2.16
N GLU A 243 7.29 -37.24 -2.53
CA GLU A 243 7.97 -38.06 -1.51
C GLU A 243 8.57 -37.12 -0.45
N PHE A 244 9.61 -36.38 -0.83
CA PHE A 244 10.22 -35.39 0.08
C PHE A 244 9.21 -34.47 0.76
N VAL A 245 8.27 -33.89 0.02
CA VAL A 245 7.34 -32.96 0.68
C VAL A 245 6.41 -33.67 1.67
N SER A 246 6.15 -34.99 1.46
CA SER A 246 5.29 -35.70 2.43
C SER A 246 6.00 -35.87 3.77
N LYS A 247 7.32 -36.04 3.72
CA LYS A 247 8.15 -36.05 4.92
C LYS A 247 8.03 -34.74 5.72
N ILE A 248 7.99 -33.60 5.02
CA ILE A 248 7.79 -32.31 5.67
C ILE A 248 6.41 -32.33 6.27
N LEU A 249 5.41 -32.75 5.50
CA LEU A 249 4.02 -32.75 6.04
C LEU A 249 3.87 -33.59 7.34
N ASN A 250 4.42 -34.80 7.34
CA ASN A 250 4.40 -35.67 8.52
C ASN A 250 5.24 -35.11 9.69
N HIS A 251 6.43 -34.54 9.45
CA HIS A 251 7.16 -33.90 10.59
C HIS A 251 6.38 -32.75 11.15
N TYR A 252 5.63 -32.06 10.29
CA TYR A 252 4.77 -30.92 10.64
C TYR A 252 3.46 -31.38 11.30
N LYS A 253 3.18 -32.69 11.26
CA LYS A 253 1.96 -33.26 11.80
C LYS A 253 0.71 -32.77 11.06
N HIS A 254 0.81 -32.55 9.75
CA HIS A 254 -0.32 -32.06 8.98
C HIS A 254 -1.43 -33.06 8.99
N LYS A 255 -2.66 -32.60 9.17
CA LYS A 255 -3.77 -33.54 9.41
C LYS A 255 -4.57 -34.02 8.19
N ASP A 256 -4.35 -33.37 7.04
CA ASP A 256 -5.22 -33.46 5.87
C ASP A 256 -4.36 -33.26 4.62
N ILE A 257 -3.45 -34.21 4.41
CA ILE A 257 -2.61 -34.20 3.22
C ILE A 257 -3.48 -34.18 1.93
N PRO A 258 -4.54 -35.03 1.84
CA PRO A 258 -5.35 -34.98 0.62
C PRO A 258 -5.79 -33.56 0.21
N THR A 259 -6.23 -32.74 1.16
CA THR A 259 -6.52 -31.33 0.87
C THR A 259 -5.34 -30.57 0.27
N VAL A 260 -4.12 -30.88 0.72
CA VAL A 260 -2.94 -30.22 0.22
C VAL A 260 -2.76 -30.53 -1.26
N LEU A 261 -3.04 -31.78 -1.64
CA LEU A 261 -2.90 -32.22 -3.02
C LEU A 261 -3.93 -31.56 -3.87
N GLU A 262 -5.14 -31.48 -3.32
CA GLU A 262 -6.23 -30.83 -4.01
C GLU A 262 -5.89 -29.37 -4.25
N LYS A 263 -5.37 -28.66 -3.24
CA LYS A 263 -4.99 -27.26 -3.44
C LYS A 263 -3.90 -27.13 -4.53
N TYR A 264 -3.01 -28.10 -4.56
CA TYR A 264 -1.94 -28.09 -5.55
C TYR A 264 -2.44 -28.23 -6.99
N ARG A 265 -3.36 -29.18 -7.24
CA ARG A 265 -3.95 -29.32 -8.58
C ARG A 265 -4.67 -28.01 -8.99
N MET A 266 -5.41 -27.44 -8.07
CA MET A 266 -6.14 -26.23 -8.41
C MET A 266 -5.15 -25.16 -8.83
N LYS A 267 -4.09 -24.99 -8.04
CA LYS A 267 -3.11 -23.93 -8.25
C LYS A 267 -2.33 -24.17 -9.56
N GLU A 268 -2.18 -25.45 -9.93
CA GLU A 268 -1.57 -25.79 -11.21
C GLU A 268 -2.33 -25.21 -12.41
N LYS A 269 -3.64 -25.44 -12.45
CA LYS A 269 -4.46 -24.82 -13.49
C LYS A 269 -4.51 -23.30 -13.31
N TYR A 270 -4.75 -22.82 -12.08
CA TYR A 270 -4.89 -21.36 -11.86
C TYR A 270 -3.73 -20.55 -12.42
N TRP A 271 -2.56 -21.18 -12.59
CA TRP A 271 -1.35 -20.48 -13.05
C TRP A 271 -1.52 -19.57 -14.28
N SER A 272 -2.33 -20.03 -15.26
CA SER A 272 -2.58 -19.29 -16.50
C SER A 272 -3.15 -17.91 -16.26
N PHE A 273 -4.09 -17.85 -15.32
CA PHE A 273 -4.77 -16.60 -14.94
C PHE A 273 -3.81 -15.77 -14.14
N GLU A 274 -3.09 -16.42 -13.25
CA GLU A 274 -2.05 -15.73 -12.50
C GLU A 274 -1.08 -15.09 -13.48
N LYS A 275 -0.71 -15.81 -14.53
CA LYS A 275 0.20 -15.23 -15.55
C LYS A 275 -0.33 -14.00 -16.25
N ILE A 276 -1.64 -13.94 -16.49
CA ILE A 276 -2.21 -12.75 -17.08
C ILE A 276 -2.12 -11.57 -16.12
N ILE A 277 -2.54 -11.80 -14.87
CA ILE A 277 -2.65 -10.74 -13.87
C ILE A 277 -1.28 -10.21 -13.53
N TYR A 278 -0.39 -11.10 -13.09
CA TYR A 278 1.03 -10.80 -12.95
C TYR A 278 1.55 -10.16 -14.23
N GLY A 279 1.18 -10.71 -15.36
CA GLY A 279 1.53 -10.09 -16.61
C GLY A 279 1.49 -8.59 -16.45
N LYS A 280 0.30 -8.00 -16.35
CA LYS A 280 0.13 -6.56 -16.47
C LYS A 280 0.49 -5.82 -15.18
N GLU A 281 0.48 -6.53 -14.08
CA GLU A 281 0.80 -5.88 -12.81
C GLU A 281 2.31 -5.72 -12.58
N TYR A 282 3.09 -6.66 -13.10
CA TYR A 282 4.55 -6.60 -12.93
C TYR A 282 5.31 -6.32 -14.22
N GLY A 283 4.59 -6.13 -15.32
CA GLY A 283 5.21 -5.66 -16.58
C GLY A 283 5.55 -6.74 -17.60
N TYR A 284 5.59 -7.99 -17.15
CA TYR A 284 5.94 -9.14 -17.99
C TYR A 284 4.98 -9.44 -19.10
N MET A 285 5.27 -8.92 -20.29
CA MET A 285 4.42 -9.16 -21.44
C MET A 285 4.58 -10.53 -22.07
N ASP A 286 5.67 -11.24 -21.80
CA ASP A 286 5.70 -12.62 -22.26
C ASP A 286 4.69 -13.50 -21.44
N TRP A 287 4.57 -13.25 -20.13
CA TRP A 287 3.68 -14.03 -19.26
C TRP A 287 2.27 -13.88 -19.67
N TYR A 288 1.92 -12.62 -19.91
CA TYR A 288 0.62 -12.22 -20.36
C TYR A 288 0.19 -12.97 -21.63
N GLU A 289 1.07 -12.98 -22.64
CA GLU A 289 0.80 -13.65 -23.92
C GLU A 289 0.68 -15.17 -23.80
N GLU A 290 1.44 -15.77 -22.89
CA GLU A 290 1.40 -17.23 -22.68
C GLU A 290 0.12 -17.67 -21.99
N GLY A 291 -0.20 -16.97 -20.90
CA GLY A 291 -1.44 -17.18 -20.22
C GLY A 291 -2.64 -16.93 -21.14
N LEU A 292 -2.63 -15.82 -21.90
CA LEU A 292 -3.71 -15.53 -22.84
C LEU A 292 -3.90 -16.69 -23.78
N ASN A 293 -2.81 -17.08 -24.45
CA ASN A 293 -2.81 -18.17 -25.43
C ASN A 293 -3.34 -19.45 -24.81
N GLU A 294 -3.08 -19.66 -23.52
CA GLU A 294 -3.51 -20.88 -22.82
C GLU A 294 -5.01 -20.85 -22.55
N ILE A 295 -5.52 -19.69 -22.15
CA ILE A 295 -6.96 -19.54 -21.96
C ILE A 295 -7.65 -19.66 -23.31
N ARG A 296 -7.04 -19.10 -24.35
CA ARG A 296 -7.60 -19.25 -25.69
C ARG A 296 -7.77 -20.70 -26.11
N SER A 297 -6.76 -21.51 -25.88
CA SER A 297 -6.86 -22.92 -26.18
C SER A 297 -6.53 -23.85 -25.00
N ILE A 298 -7.46 -23.98 -24.04
CA ILE A 298 -7.23 -24.75 -22.81
C ILE A 298 -7.78 -26.18 -22.94
N MET B 1 6.89 14.24 -11.17
CA MET B 1 5.56 14.31 -11.82
C MET B 1 5.61 13.67 -13.21
N ARG B 2 4.69 12.73 -13.44
CA ARG B 2 4.40 12.20 -14.74
C ARG B 2 3.48 13.25 -15.34
N THR B 3 3.63 13.49 -16.63
CA THR B 3 2.91 14.53 -17.30
C THR B 3 1.97 13.82 -18.27
N TYR B 4 0.92 14.51 -18.70
CA TYR B 4 0.01 13.96 -19.72
C TYR B 4 -0.38 14.96 -20.81
N THR B 5 -0.31 14.52 -22.08
CA THR B 5 -1.00 15.16 -23.21
C THR B 5 -2.48 14.78 -23.18
N PHE B 6 -3.28 15.48 -23.99
CA PHE B 6 -4.68 15.12 -24.19
C PHE B 6 -4.83 13.78 -24.92
N ASP B 7 -4.02 13.58 -25.96
CA ASP B 7 -4.06 12.34 -26.73
C ASP B 7 -3.90 11.14 -25.81
N GLN B 8 -2.90 11.20 -24.94
CA GLN B 8 -2.64 10.11 -24.01
C GLN B 8 -3.82 9.84 -23.08
N VAL B 9 -4.45 10.91 -22.58
CA VAL B 9 -5.61 10.76 -21.70
C VAL B 9 -6.76 10.06 -22.44
N GLU B 10 -7.14 10.56 -23.61
CA GLU B 10 -8.16 9.90 -24.42
C GLU B 10 -7.85 8.42 -24.71
N LYS B 11 -6.60 8.14 -25.10
CA LYS B 11 -6.21 6.79 -25.55
C LYS B 11 -6.23 5.76 -24.43
N ALA B 12 -5.97 6.21 -23.21
CA ALA B 12 -5.92 5.31 -22.06
C ALA B 12 -7.32 4.93 -21.62
N ILE B 13 -8.24 5.89 -21.75
CA ILE B 13 -9.66 5.70 -21.53
C ILE B 13 -10.28 4.78 -22.58
N GLU B 14 -9.96 5.00 -23.86
CA GLU B 14 -10.53 4.22 -24.98
C GLU B 14 -10.11 2.75 -24.92
N GLN B 15 -9.01 2.47 -24.23
CA GLN B 15 -8.43 1.15 -24.21
C GLN B 15 -9.29 0.21 -23.37
N LEU B 16 -10.01 0.80 -22.43
CA LEU B 16 -10.87 0.06 -21.50
C LEU B 16 -12.36 0.41 -21.70
N TYR B 17 -12.55 1.67 -22.19
CA TYR B 17 -13.90 2.16 -22.49
C TYR B 17 -13.99 2.58 -23.94
N PRO B 18 -14.23 1.62 -24.83
CA PRO B 18 -14.18 1.93 -26.24
C PRO B 18 -15.46 2.61 -26.74
N ASP B 19 -16.59 2.20 -26.16
CA ASP B 19 -17.88 2.71 -26.59
C ASP B 19 -18.15 4.08 -25.98
N PHE B 20 -17.22 4.58 -25.19
CA PHE B 20 -17.35 5.91 -24.60
C PHE B 20 -16.67 6.95 -25.47
N THR B 21 -17.47 7.76 -26.16
CA THR B 21 -16.93 8.75 -27.09
C THR B 21 -16.59 10.04 -26.34
N ILE B 22 -15.41 10.57 -26.64
CA ILE B 22 -14.97 11.82 -26.04
C ILE B 22 -15.16 13.00 -27.00
N ASN B 23 -15.94 13.99 -26.56
CA ASN B 23 -16.15 15.22 -27.32
C ASN B 23 -15.13 16.27 -26.93
N THR B 24 -15.29 16.78 -25.70
CA THR B 24 -14.46 17.86 -25.17
C THR B 24 -13.61 17.35 -24.02
N ILE B 25 -12.43 17.93 -23.87
CA ILE B 25 -11.52 17.57 -22.82
C ILE B 25 -10.72 18.80 -22.46
N GLU B 26 -10.49 19.01 -21.17
CA GLU B 26 -9.67 20.13 -20.69
C GLU B 26 -9.28 19.85 -19.23
N ILE B 27 -8.24 20.54 -18.75
CA ILE B 27 -7.86 20.47 -17.34
C ILE B 27 -8.92 21.19 -16.50
N SER B 28 -9.33 20.60 -15.39
CA SER B 28 -10.28 21.25 -14.49
C SER B 28 -9.61 21.62 -13.21
N GLY B 29 -8.44 21.04 -12.97
CA GLY B 29 -7.66 21.31 -11.76
C GLY B 29 -6.39 20.46 -11.63
N GLU B 30 -5.61 20.80 -10.63
CA GLU B 30 -4.41 20.04 -10.34
C GLU B 30 -4.24 20.00 -8.84
N GLY B 31 -3.97 18.80 -8.31
CA GLY B 31 -3.77 18.60 -6.87
C GLY B 31 -2.36 18.16 -6.63
N ASN B 32 -2.06 17.79 -5.40
CA ASN B 32 -0.75 17.24 -5.08
C ASN B 32 -0.48 15.80 -5.56
N ASP B 33 -1.54 15.01 -5.76
CA ASP B 33 -1.43 13.65 -6.28
C ASP B 33 -1.70 13.51 -7.78
N CYS B 34 -2.71 14.23 -8.26
CA CYS B 34 -3.34 13.97 -9.55
C CYS B 34 -3.55 15.29 -10.31
N ILE B 35 -3.56 15.20 -11.64
CA ILE B 35 -4.13 16.30 -12.45
C ILE B 35 -5.54 15.83 -12.83
N ALA B 36 -6.50 16.74 -12.80
CA ALA B 36 -7.86 16.38 -13.14
C ALA B 36 -8.22 16.89 -14.53
N TYR B 37 -8.95 16.05 -15.28
CA TYR B 37 -9.53 16.42 -16.59
C TYR B 37 -11.06 16.46 -16.58
N GLU B 38 -11.64 17.48 -17.22
CA GLU B 38 -13.10 17.53 -17.43
C GLU B 38 -13.44 16.99 -18.79
N ILE B 39 -14.18 15.90 -18.84
CA ILE B 39 -14.50 15.26 -20.10
C ILE B 39 -15.99 15.29 -20.31
N ASN B 40 -16.41 15.71 -21.51
CA ASN B 40 -17.82 15.90 -21.92
C ASN B 40 -18.61 16.76 -20.95
N ARG B 41 -17.95 17.71 -20.29
CA ARG B 41 -18.60 18.60 -19.31
C ARG B 41 -19.43 17.82 -18.27
N ASP B 42 -19.09 16.56 -18.07
CA ASP B 42 -19.94 15.65 -17.27
C ASP B 42 -19.12 14.74 -16.34
N PHE B 43 -17.81 14.64 -16.56
CA PHE B 43 -16.96 13.79 -15.74
C PHE B 43 -15.60 14.42 -15.41
N ILE B 44 -15.12 14.17 -14.20
CA ILE B 44 -13.77 14.54 -13.79
C ILE B 44 -12.96 13.27 -13.74
N PHE B 45 -11.87 13.25 -14.51
CA PHE B 45 -10.99 12.11 -14.63
C PHE B 45 -9.67 12.51 -13.98
N LYS B 46 -9.31 11.80 -12.91
CA LYS B 46 -8.04 11.99 -12.24
C LYS B 46 -6.96 11.05 -12.80
N PHE B 47 -5.80 11.60 -13.11
CA PHE B 47 -4.63 10.85 -13.56
C PHE B 47 -3.46 11.11 -12.61
N PRO B 48 -2.85 10.05 -12.09
CA PRO B 48 -1.85 10.29 -11.04
C PRO B 48 -0.56 10.87 -11.59
N LYS B 49 0.06 11.80 -10.86
CA LYS B 49 1.35 12.41 -11.21
C LYS B 49 2.53 11.49 -10.82
N HIS B 50 2.27 10.49 -9.97
CA HIS B 50 3.28 9.59 -9.43
C HIS B 50 2.67 8.45 -8.59
N SER B 51 3.52 7.48 -8.22
CA SER B 51 3.03 6.24 -7.60
CA SER B 51 3.03 6.23 -7.59
C SER B 51 2.24 6.48 -6.29
N ARG B 52 2.77 7.34 -5.41
CA ARG B 52 2.01 7.70 -4.20
C ARG B 52 0.63 8.27 -4.54
N GLY B 53 0.57 9.17 -5.52
CA GLY B 53 -0.70 9.75 -5.94
C GLY B 53 -1.68 8.70 -6.39
N SER B 54 -1.17 7.68 -7.08
CA SER B 54 -1.99 6.63 -7.60
C SER B 54 -2.62 5.76 -6.51
N THR B 55 -1.84 5.49 -5.46
CA THR B 55 -2.25 4.81 -4.25
C THR B 55 -3.34 5.60 -3.52
N ASN B 56 -3.13 6.91 -3.40
CA ASN B 56 -4.18 7.80 -2.93
C ASN B 56 -5.45 7.71 -3.75
N LEU B 57 -5.32 7.71 -5.07
CA LEU B 57 -6.47 7.57 -5.94
C LEU B 57 -7.17 6.16 -5.77
N PHE B 58 -6.37 5.11 -5.66
CA PHE B 58 -6.92 3.76 -5.49
C PHE B 58 -7.76 3.70 -4.22
N ASN B 59 -7.20 4.26 -3.16
CA ASN B 59 -7.91 4.39 -1.89
C ASN B 59 -9.17 5.26 -1.97
N GLU B 60 -9.07 6.40 -2.66
CA GLU B 60 -10.26 7.19 -2.88
C GLU B 60 -11.40 6.37 -3.58
N VAL B 61 -11.07 5.71 -4.68
CA VAL B 61 -12.06 4.92 -5.43
C VAL B 61 -12.70 3.85 -4.52
N ASN B 62 -11.89 3.20 -3.72
CA ASN B 62 -12.43 2.21 -2.84
C ASN B 62 -13.37 2.78 -1.77
N ILE B 63 -12.95 3.86 -1.14
CA ILE B 63 -13.73 4.56 -0.13
C ILE B 63 -15.05 5.11 -0.70
N LEU B 64 -14.98 5.78 -1.85
CA LEU B 64 -16.19 6.37 -2.46
C LEU B 64 -17.19 5.28 -2.67
N LYS B 65 -16.77 4.20 -3.32
CA LYS B 65 -17.62 2.99 -3.45
C LYS B 65 -18.24 2.45 -2.19
N ARG B 66 -17.53 2.47 -1.07
CA ARG B 66 -18.10 1.92 0.16
C ARG B 66 -19.10 2.81 0.92
N ILE B 67 -19.00 4.13 0.73
CA ILE B 67 -19.84 5.09 1.45
C ILE B 67 -20.83 5.90 0.57
N HIS B 68 -21.18 5.37 -0.60
CA HIS B 68 -21.83 6.20 -1.63
C HIS B 68 -23.27 6.65 -1.31
N ASN B 69 -23.99 5.86 -0.52
CA ASN B 69 -25.35 6.21 -0.14
C ASN B 69 -25.45 6.26 1.38
N LYS B 70 -24.38 6.69 2.04
CA LYS B 70 -24.43 6.79 3.49
C LYS B 70 -24.34 8.24 4.00
N LEU B 71 -24.29 9.21 3.09
CA LEU B 71 -23.97 10.58 3.48
C LEU B 71 -25.12 11.54 3.22
N PRO B 72 -25.20 12.67 3.95
CA PRO B 72 -26.29 13.61 3.69
C PRO B 72 -25.96 14.60 2.54
N LEU B 73 -24.76 14.50 1.98
CA LEU B 73 -24.36 15.39 0.89
C LEU B 73 -23.86 14.56 -0.27
N PRO B 74 -24.03 15.08 -1.51
CA PRO B 74 -23.37 14.45 -2.67
C PRO B 74 -21.85 14.33 -2.56
N ILE B 75 -21.32 13.17 -2.97
CA ILE B 75 -19.88 12.96 -3.10
C ILE B 75 -19.60 12.42 -4.51
N PRO B 76 -18.32 12.37 -4.94
CA PRO B 76 -18.12 12.00 -6.33
C PRO B 76 -18.44 10.52 -6.48
N GLU B 77 -19.12 10.16 -7.56
CA GLU B 77 -19.42 8.77 -7.82
C GLU B 77 -18.43 8.26 -8.84
N VAL B 78 -17.83 7.11 -8.56
CA VAL B 78 -16.89 6.55 -9.54
C VAL B 78 -17.65 5.89 -10.72
N VAL B 79 -17.39 6.33 -11.95
CA VAL B 79 -18.03 5.74 -13.16
C VAL B 79 -17.06 4.86 -13.97
N PHE B 80 -15.77 5.24 -13.97
CA PHE B 80 -14.75 4.61 -14.83
C PHE B 80 -13.52 4.34 -13.97
N THR B 81 -12.85 3.22 -14.20
CA THR B 81 -11.58 2.98 -13.51
C THR B 81 -10.55 2.45 -14.48
N GLY B 82 -9.29 2.87 -14.28
CA GLY B 82 -8.14 2.29 -15.00
C GLY B 82 -7.68 1.01 -14.32
N MET B 83 -6.42 0.65 -14.51
CA MET B 83 -5.85 -0.66 -14.15
C MET B 83 -4.59 -0.47 -13.39
N PRO B 84 -4.12 -1.52 -12.66
CA PRO B 84 -2.83 -1.41 -11.96
C PRO B 84 -1.68 -1.69 -12.90
N SER B 85 -0.47 -1.28 -12.54
CA SER B 85 0.71 -1.67 -13.27
C SER B 85 1.77 -1.78 -12.22
N GLU B 86 3.03 -1.81 -12.62
CA GLU B 86 4.15 -1.91 -11.71
C GLU B 86 4.45 -0.52 -11.09
N THR B 87 3.86 0.51 -11.69
CA THR B 87 4.06 1.90 -11.25
C THR B 87 2.84 2.49 -10.51
N TYR B 88 1.64 2.13 -10.94
CA TYR B 88 0.40 2.72 -10.42
C TYR B 88 -0.61 1.67 -10.03
N GLN B 89 -1.18 1.90 -8.85
CA GLN B 89 -2.24 1.03 -8.35
C GLN B 89 -3.49 1.26 -9.20
N MET B 90 -3.61 2.46 -9.74
CA MET B 90 -4.71 2.77 -10.62
CA MET B 90 -4.76 2.84 -10.55
C MET B 90 -4.30 3.87 -11.58
N SER B 91 -4.38 3.55 -12.88
CA SER B 91 -3.88 4.48 -13.87
C SER B 91 -4.76 5.72 -13.96
N PHE B 92 -6.05 5.59 -13.66
CA PHE B 92 -6.96 6.74 -13.65
C PHE B 92 -8.27 6.44 -13.00
N ALA B 93 -9.04 7.46 -12.70
CA ALA B 93 -10.43 7.23 -12.33
C ALA B 93 -11.24 8.41 -12.80
N GLY B 94 -12.40 8.11 -13.40
CA GLY B 94 -13.33 9.14 -13.84
C GLY B 94 -14.48 9.15 -12.85
N MET B 95 -14.83 10.34 -12.37
CA MET B 95 -15.93 10.46 -11.43
C MET B 95 -17.01 11.36 -11.99
N THR B 96 -18.23 11.17 -11.49
CA THR B 96 -19.34 12.10 -11.80
C THR B 96 -18.89 13.53 -11.44
N LYS B 97 -19.28 14.50 -12.26
CA LYS B 97 -18.90 15.89 -11.95
C LYS B 97 -19.97 16.51 -11.05
N ILE B 98 -19.52 17.15 -9.97
CA ILE B 98 -20.42 17.89 -9.11
C ILE B 98 -20.37 19.38 -9.45
N LYS B 99 -21.50 19.91 -9.90
CA LYS B 99 -21.64 21.31 -10.28
C LYS B 99 -21.48 22.10 -9.00
N GLY B 100 -21.00 23.34 -9.14
CA GLY B 100 -20.88 24.21 -8.00
C GLY B 100 -19.46 24.70 -7.87
N VAL B 101 -19.22 25.60 -6.91
CA VAL B 101 -17.89 26.20 -6.74
C VAL B 101 -17.42 26.04 -5.28
N PRO B 102 -16.09 26.06 -5.06
CA PRO B 102 -15.60 25.85 -3.68
C PRO B 102 -16.17 26.89 -2.71
N LEU B 103 -16.51 26.48 -1.47
CA LEU B 103 -17.01 27.45 -0.51
C LEU B 103 -15.83 28.17 0.10
N THR B 104 -15.29 29.17 -0.61
CA THR B 104 -14.13 29.86 -0.04
C THR B 104 -14.56 30.63 1.24
N PRO B 105 -13.61 30.88 2.16
CA PRO B 105 -13.84 31.86 3.25
C PRO B 105 -14.49 33.15 2.74
N LEU B 106 -14.06 33.65 1.60
CA LEU B 106 -14.60 34.88 1.02
C LEU B 106 -16.09 34.74 0.73
N LEU B 107 -16.42 33.66 0.03
CA LEU B 107 -17.78 33.41 -0.35
C LEU B 107 -18.63 33.25 0.92
N LEU B 108 -18.16 32.43 1.87
CA LEU B 108 -18.90 32.06 3.06
C LEU B 108 -19.30 33.28 3.84
N ASN B 109 -18.34 34.21 3.91
CA ASN B 109 -18.47 35.36 4.75
C ASN B 109 -19.39 36.41 4.14
N ASN B 110 -19.56 36.37 2.82
CA ASN B 110 -20.51 37.26 2.19
C ASN B 110 -21.96 36.76 2.16
N LEU B 111 -22.16 35.48 2.49
CA LEU B 111 -23.50 34.94 2.59
C LEU B 111 -24.30 35.64 3.71
N PRO B 112 -25.62 35.84 3.49
CA PRO B 112 -26.55 36.18 4.61
C PRO B 112 -26.29 35.26 5.84
N LYS B 113 -26.56 35.73 7.04
CA LYS B 113 -26.23 34.92 8.25
C LYS B 113 -26.92 33.57 8.27
N GLN B 114 -28.14 33.52 7.76
CA GLN B 114 -28.91 32.28 7.77
C GLN B 114 -28.28 31.20 6.92
N SER B 115 -27.79 31.52 5.71
CA SER B 115 -27.02 30.52 4.91
C SER B 115 -25.67 30.18 5.52
N GLN B 116 -25.00 31.15 6.14
CA GLN B 116 -23.79 30.81 6.92
C GLN B 116 -24.12 29.68 7.92
N ASN B 117 -25.14 29.87 8.73
CA ASN B 117 -25.45 28.89 9.79
C ASN B 117 -25.96 27.57 9.23
N GLN B 118 -26.79 27.64 8.19
CA GLN B 118 -27.22 26.47 7.52
C GLN B 118 -25.99 25.69 7.02
N ALA B 119 -24.98 26.39 6.45
CA ALA B 119 -23.73 25.71 6.00
C ALA B 119 -22.97 25.06 7.18
N ALA B 120 -22.95 25.74 8.33
CA ALA B 120 -22.38 25.16 9.56
C ALA B 120 -23.10 23.86 9.91
N LYS B 121 -24.44 23.96 9.96
CA LYS B 121 -25.28 22.79 10.22
C LYS B 121 -25.13 21.64 9.17
N ASP B 122 -25.03 21.96 7.89
CA ASP B 122 -24.93 20.88 6.90
C ASP B 122 -23.53 20.24 7.00
N LEU B 123 -22.52 21.04 7.28
CA LEU B 123 -21.17 20.50 7.44
C LEU B 123 -21.10 19.54 8.66
N ALA B 124 -21.66 19.99 9.78
CA ALA B 124 -21.77 19.20 10.99
C ALA B 124 -22.47 17.89 10.76
N ARG B 125 -23.58 17.91 10.03
CA ARG B 125 -24.36 16.69 9.82
C ARG B 125 -23.59 15.71 8.94
N PHE B 126 -23.01 16.23 7.88
CA PHE B 126 -22.07 15.44 7.10
C PHE B 126 -21.04 14.75 7.94
N LEU B 127 -20.32 15.53 8.75
CA LEU B 127 -19.21 15.01 9.49
C LEU B 127 -19.71 13.95 10.45
N SER B 128 -20.78 14.30 11.12
CA SER B 128 -21.38 13.51 12.16
C SER B 128 -21.80 12.09 11.64
N GLU B 129 -22.40 12.07 10.45
CA GLU B 129 -22.76 10.79 9.84
CA GLU B 129 -22.76 10.84 9.75
C GLU B 129 -21.50 10.09 9.28
N LEU B 130 -20.59 10.83 8.67
CA LEU B 130 -19.32 10.24 8.24
C LEU B 130 -18.75 9.53 9.46
N HIS B 131 -18.66 10.23 10.58
CA HIS B 131 -17.99 9.66 11.73
C HIS B 131 -18.73 8.48 12.29
N SER B 132 -19.98 8.28 11.87
CA SER B 132 -20.87 7.22 12.40
C SER B 132 -20.91 5.94 11.55
N ILE B 133 -20.36 5.99 10.35
CA ILE B 133 -20.30 4.84 9.46
C ILE B 133 -19.44 3.80 10.12
N ASN B 134 -20.09 2.71 10.52
CA ASN B 134 -19.38 1.56 11.08
C ASN B 134 -18.30 1.11 10.13
N ILE B 135 -17.10 0.97 10.65
CA ILE B 135 -15.93 0.68 9.82
C ILE B 135 -15.47 -0.80 9.77
N SER B 136 -16.40 -1.75 9.87
CA SER B 136 -16.04 -3.17 9.99
C SER B 136 -15.32 -3.76 8.77
N GLY B 137 -15.96 -3.67 7.61
CA GLY B 137 -15.43 -4.30 6.42
C GLY B 137 -14.49 -3.38 5.72
N PHE B 138 -14.12 -2.28 6.40
CA PHE B 138 -13.08 -1.38 5.90
C PHE B 138 -11.70 -2.01 6.05
N LYS B 139 -10.91 -1.92 4.99
CA LYS B 139 -9.54 -2.44 4.98
C LYS B 139 -8.74 -1.80 6.12
N SER B 140 -8.39 -2.62 7.13
CA SER B 140 -7.60 -2.21 8.31
C SER B 140 -6.34 -1.40 8.02
N ASN B 141 -5.84 -1.54 6.78
CA ASN B 141 -4.75 -0.75 6.21
C ASN B 141 -5.06 0.76 6.29
N LEU B 142 -6.36 1.07 6.30
CA LEU B 142 -6.91 2.42 6.46
C LEU B 142 -6.67 3.10 7.81
N VAL B 143 -6.45 2.30 8.86
CA VAL B 143 -6.21 2.82 10.21
C VAL B 143 -4.89 3.59 10.28
N LEU B 144 -5.00 4.92 10.30
CA LEU B 144 -3.87 5.78 10.63
C LEU B 144 -3.90 6.02 12.15
N ASP B 145 -3.01 5.37 12.89
CA ASP B 145 -2.91 5.56 14.34
C ASP B 145 -1.91 6.70 14.63
N PHE B 146 -2.44 7.81 15.15
CA PHE B 146 -1.66 9.04 15.31
C PHE B 146 -0.38 8.85 16.10
N ARG B 147 -0.44 8.10 17.20
CA ARG B 147 0.75 7.81 17.99
C ARG B 147 1.83 7.11 17.18
N GLU B 148 1.44 6.17 16.32
CA GLU B 148 2.43 5.52 15.43
C GLU B 148 3.00 6.55 14.42
N LYS B 149 2.11 7.32 13.80
CA LYS B 149 2.49 8.37 12.87
C LYS B 149 3.57 9.23 13.50
N ILE B 150 3.29 9.73 14.71
CA ILE B 150 4.21 10.65 15.39
C ILE B 150 5.53 9.97 15.78
N ASN B 151 5.46 8.71 16.21
CA ASN B 151 6.70 7.94 16.48
C ASN B 151 7.52 7.78 15.21
N GLU B 152 6.87 7.38 14.13
CA GLU B 152 7.56 7.22 12.84
C GLU B 152 8.10 8.54 12.35
N ASP B 153 7.33 9.62 12.53
CA ASP B 153 7.77 10.94 12.08
C ASP B 153 9.06 11.37 12.78
N ASN B 154 9.11 11.10 14.08
CA ASN B 154 10.28 11.42 14.85
C ASN B 154 11.50 10.66 14.28
N LYS B 155 11.33 9.40 13.90
CA LYS B 155 12.44 8.65 13.28
C LYS B 155 12.79 9.17 11.88
N LYS B 156 11.79 9.53 11.06
CA LYS B 156 12.07 10.07 9.70
C LYS B 156 12.84 11.42 9.71
N ILE B 157 12.50 12.29 10.67
CA ILE B 157 13.15 13.57 10.80
C ILE B 157 14.59 13.42 11.24
N LYS B 158 14.81 12.58 12.26
CA LYS B 158 16.17 12.22 12.67
C LYS B 158 16.96 11.69 11.48
N LYS B 159 16.36 10.80 10.72
CA LYS B 159 17.06 10.15 9.64
C LYS B 159 17.32 11.18 8.53
N LEU B 160 16.35 12.09 8.30
CA LEU B 160 16.47 13.05 7.17
C LEU B 160 17.39 14.20 7.45
N LEU B 161 17.36 14.67 8.70
CA LEU B 161 17.97 15.95 9.03
C LEU B 161 19.27 15.80 9.83
N SER B 162 19.64 14.56 10.17
CA SER B 162 20.78 14.37 11.09
C SER B 162 22.10 14.98 10.58
N ARG B 163 22.24 15.07 9.26
CA ARG B 163 23.36 15.75 8.61
C ARG B 163 23.05 17.21 8.22
N GLU B 164 21.89 17.74 8.60
CA GLU B 164 21.53 19.12 8.23
C GLU B 164 21.50 20.05 9.45
N LEU B 165 21.23 19.45 10.59
CA LEU B 165 21.05 20.21 11.81
C LEU B 165 22.27 20.01 12.69
N LYS B 166 22.68 21.09 13.37
CA LYS B 166 23.66 20.94 14.43
C LYS B 166 23.07 20.09 15.56
N GLY B 167 23.92 19.40 16.30
CA GLY B 167 23.49 18.56 17.43
C GLY B 167 22.44 19.18 18.36
N PRO B 168 22.67 20.44 18.81
CA PRO B 168 21.75 21.03 19.79
C PRO B 168 20.39 21.32 19.13
N GLN B 169 20.44 21.61 17.83
CA GLN B 169 19.22 21.83 17.11
C GLN B 169 18.45 20.52 17.04
N MET B 170 19.10 19.39 16.69
CA MET B 170 18.37 18.07 16.66
C MET B 170 17.78 17.64 18.03
N LYS B 171 18.57 17.76 19.08
CA LYS B 171 18.10 17.64 20.45
C LYS B 171 16.73 18.36 20.65
N LYS B 172 16.64 19.63 20.23
CA LYS B 172 15.39 20.46 20.35
C LYS B 172 14.20 19.92 19.56
N VAL B 173 14.47 19.43 18.34
CA VAL B 173 13.51 18.62 17.60
C VAL B 173 13.07 17.38 18.41
N ASP B 174 14.05 16.63 18.90
CA ASP B 174 13.76 15.49 19.79
C ASP B 174 12.96 15.84 21.05
N ASP B 175 13.24 17.02 21.64
CA ASP B 175 12.48 17.54 22.77
C ASP B 175 11.02 17.74 22.36
N PHE B 176 10.79 18.32 21.19
CA PHE B 176 9.44 18.61 20.73
C PHE B 176 8.58 17.35 20.64
N TYR B 177 9.06 16.36 19.91
CA TYR B 177 8.42 15.07 19.84
C TYR B 177 8.13 14.46 21.23
N ARG B 178 9.09 14.54 22.15
CA ARG B 178 8.90 14.00 23.50
C ARG B 178 7.70 14.68 24.20
N ASP B 179 7.72 16.01 24.30
CA ASP B 179 6.57 16.79 24.75
C ASP B 179 5.23 16.37 24.09
N ILE B 180 5.24 16.19 22.77
CA ILE B 180 4.04 15.76 22.06
C ILE B 180 3.64 14.36 22.55
N LEU B 181 4.61 13.45 22.59
CA LEU B 181 4.36 12.04 22.81
C LEU B 181 3.88 11.75 24.21
N GLU B 182 4.31 12.55 25.18
CA GLU B 182 3.85 12.44 26.56
C GLU B 182 2.47 13.07 26.80
N ASN B 183 1.95 13.83 25.83
CA ASN B 183 0.59 14.36 25.96
C ASN B 183 -0.48 13.43 25.40
N GLU B 184 -1.20 12.82 26.34
CA GLU B 184 -2.16 11.75 26.06
C GLU B 184 -3.41 12.22 25.29
N ILE B 185 -3.82 13.47 25.50
CA ILE B 185 -4.98 14.01 24.80
C ILE B 185 -4.82 14.01 23.28
N TYR B 186 -3.60 13.81 22.77
CA TYR B 186 -3.40 13.74 21.31
C TYR B 186 -3.75 12.38 20.74
N PHE B 187 -3.80 11.35 21.58
CA PHE B 187 -3.79 9.95 21.13
C PHE B 187 -4.94 9.08 21.63
N LYS B 188 -5.67 9.59 22.62
CA LYS B 188 -6.91 8.97 23.09
C LYS B 188 -8.05 9.52 22.29
N TYR B 189 -8.63 8.68 21.43
CA TYR B 189 -9.80 9.01 20.63
C TYR B 189 -10.34 7.67 20.18
N TYR B 190 -11.57 7.68 19.71
CA TYR B 190 -12.22 6.50 19.18
C TYR B 190 -12.09 6.63 17.68
N PRO B 191 -11.30 5.75 17.07
CA PRO B 191 -11.07 5.84 15.65
C PRO B 191 -12.41 5.79 14.92
N CYS B 192 -12.52 6.51 13.81
CA CYS B 192 -13.65 6.31 12.90
C CYS B 192 -13.25 6.76 11.50
N LEU B 193 -14.15 6.57 10.52
CA LEU B 193 -13.86 7.02 9.17
C LEU B 193 -13.84 8.57 9.10
N ILE B 194 -12.76 9.10 8.55
CA ILE B 194 -12.59 10.55 8.50
C ILE B 194 -12.22 10.94 7.08
N HIS B 195 -12.60 12.16 6.70
CA HIS B 195 -12.21 12.68 5.38
C HIS B 195 -10.74 12.98 5.32
N ASN B 196 -10.23 13.64 6.37
CA ASN B 196 -8.78 13.85 6.57
C ASN B 196 -8.14 14.92 5.67
N ASP B 197 -8.92 15.48 4.74
CA ASP B 197 -8.52 16.74 4.06
C ASP B 197 -9.72 17.73 4.01
N PHE B 198 -10.41 17.87 5.12
CA PHE B 198 -11.70 18.53 5.10
C PHE B 198 -11.46 20.04 5.18
N SER B 199 -11.36 20.69 4.03
CA SER B 199 -11.04 22.11 3.95
C SER B 199 -11.89 22.76 2.90
N SER B 200 -11.85 24.08 2.89
CA SER B 200 -12.65 24.91 2.02
C SER B 200 -12.64 24.51 0.54
N ASP B 201 -11.45 24.16 0.03
CA ASP B 201 -11.30 23.76 -1.35
C ASP B 201 -12.20 22.58 -1.69
N HIS B 202 -12.63 21.84 -0.66
CA HIS B 202 -13.33 20.57 -0.90
C HIS B 202 -14.78 20.57 -0.56
N ILE B 203 -15.29 21.72 -0.17
CA ILE B 203 -16.71 21.90 0.06
C ILE B 203 -17.25 22.66 -1.17
N LEU B 204 -18.06 21.96 -1.99
CA LEU B 204 -18.62 22.54 -3.17
C LEU B 204 -19.92 23.19 -2.80
N PHE B 205 -20.23 24.27 -3.51
CA PHE B 205 -21.34 25.15 -3.11
C PHE B 205 -22.16 25.61 -4.32
N ASP B 206 -23.47 25.72 -4.12
CA ASP B 206 -24.41 26.15 -5.14
C ASP B 206 -24.90 27.54 -4.78
N THR B 207 -24.54 28.52 -5.63
CA THR B 207 -24.72 29.96 -5.39
C THR B 207 -26.16 30.45 -5.65
N GLU B 208 -26.93 29.71 -6.46
CA GLU B 208 -28.37 30.02 -6.66
C GLU B 208 -29.19 29.67 -5.39
N LYS B 209 -29.04 28.44 -4.86
CA LYS B 209 -29.71 28.03 -3.61
C LYS B 209 -28.99 28.54 -2.33
N ASN B 210 -27.69 28.87 -2.46
CA ASN B 210 -26.84 29.21 -1.32
C ASN B 210 -26.68 28.07 -0.31
N THR B 211 -26.40 26.88 -0.80
CA THR B 211 -26.26 25.71 0.07
C THR B 211 -25.11 24.87 -0.49
N ILE B 212 -24.46 24.15 0.42
CA ILE B 212 -23.46 23.15 0.08
C ILE B 212 -24.06 22.01 -0.72
N CYS B 213 -23.55 21.81 -1.94
CA CYS B 213 -24.04 20.77 -2.84
C CYS B 213 -23.02 19.65 -3.08
N GLY B 214 -21.91 19.64 -2.34
CA GLY B 214 -21.03 18.48 -2.40
C GLY B 214 -19.77 18.56 -1.58
N ILE B 215 -19.17 17.38 -1.37
CA ILE B 215 -17.87 17.24 -0.71
C ILE B 215 -17.04 16.33 -1.62
N ILE B 216 -15.79 16.70 -1.83
CA ILE B 216 -14.98 15.99 -2.81
C ILE B 216 -13.61 15.67 -2.21
N ASP B 217 -12.84 14.87 -2.92
CA ASP B 217 -11.43 14.56 -2.65
C ASP B 217 -11.18 13.70 -1.41
N PHE B 218 -11.36 12.40 -1.60
CA PHE B 218 -11.31 11.45 -0.50
C PHE B 218 -10.04 10.62 -0.54
N GLY B 219 -9.04 11.11 -1.28
CA GLY B 219 -7.72 10.45 -1.34
C GLY B 219 -6.98 10.31 -0.01
N ASP B 220 -7.28 11.18 0.96
CA ASP B 220 -6.65 11.07 2.29
C ASP B 220 -7.56 10.36 3.34
N ALA B 221 -8.80 10.02 2.98
CA ALA B 221 -9.69 9.35 3.93
C ALA B 221 -8.96 8.24 4.69
N ALA B 222 -9.27 8.09 5.97
CA ALA B 222 -8.53 7.17 6.86
C ALA B 222 -9.45 6.90 8.00
N ILE B 223 -9.07 5.93 8.82
CA ILE B 223 -9.74 5.65 10.06
C ILE B 223 -8.79 6.15 11.14
N SER B 224 -9.26 7.14 11.89
CA SER B 224 -8.41 7.96 12.72
C SER B 224 -9.21 8.89 13.62
N ASP B 225 -8.63 10.03 13.96
CA ASP B 225 -9.25 10.94 14.94
C ASP B 225 -10.34 11.76 14.29
N PRO B 226 -11.60 11.63 14.75
CA PRO B 226 -12.62 12.46 14.13
C PRO B 226 -12.28 13.96 14.22
N ASP B 227 -11.58 14.35 15.27
CA ASP B 227 -11.22 15.75 15.44
C ASP B 227 -10.39 16.30 14.25
N ASN B 228 -9.73 15.43 13.48
CA ASN B 228 -8.99 15.94 12.29
C ASN B 228 -9.86 16.76 11.33
N ASP B 229 -11.12 16.38 11.23
CA ASP B 229 -12.02 17.04 10.33
C ASP B 229 -12.51 18.42 10.82
N PHE B 230 -12.24 18.81 12.06
CA PHE B 230 -12.54 20.19 12.51
C PHE B 230 -11.31 21.04 12.43
N ILE B 231 -10.17 20.52 12.91
CA ILE B 231 -8.97 21.34 12.97
C ILE B 231 -8.55 21.84 11.59
N SER B 232 -8.87 21.07 10.54
CA SER B 232 -8.45 21.39 9.19
C SER B 232 -9.29 22.48 8.61
N LEU B 233 -10.22 23.00 9.41
CA LEU B 233 -11.10 24.08 8.98
C LEU B 233 -10.84 25.33 9.81
N MET B 234 -10.06 25.18 10.87
CA MET B 234 -9.91 26.27 11.85
C MET B 234 -8.95 27.40 11.49
N GLU B 235 -8.08 27.19 10.50
CA GLU B 235 -7.03 28.17 10.14
C GLU B 235 -7.68 29.44 9.63
N ASP B 236 -7.27 30.59 10.16
CA ASP B 236 -7.88 31.85 9.78
C ASP B 236 -7.51 32.31 8.37
N ASP B 237 -6.30 31.97 7.92
CA ASP B 237 -5.81 32.41 6.61
C ASP B 237 -6.38 31.83 5.29
N GLU B 238 -6.22 30.52 5.16
CA GLU B 238 -6.82 29.76 4.09
C GLU B 238 -8.21 29.22 4.43
N GLU B 239 -8.62 29.21 5.70
CA GLU B 239 -9.84 28.47 6.02
C GLU B 239 -10.86 29.34 6.77
N TYR B 240 -11.72 28.74 7.61
CA TYR B 240 -12.91 29.45 8.14
C TYR B 240 -12.74 30.19 9.49
N GLY B 241 -11.76 29.82 10.29
CA GLY B 241 -11.61 30.40 11.61
C GLY B 241 -12.47 29.74 12.69
N MET B 242 -12.24 30.17 13.92
CA MET B 242 -12.78 29.49 15.08
C MET B 242 -14.29 29.71 15.21
N GLU B 243 -14.75 30.94 15.02
CA GLU B 243 -16.17 31.23 15.20
C GLU B 243 -17.02 30.26 14.39
N PHE B 244 -16.75 30.21 13.08
CA PHE B 244 -17.49 29.31 12.20
C PHE B 244 -17.37 27.82 12.60
N VAL B 245 -16.18 27.39 13.01
CA VAL B 245 -16.02 25.97 13.29
C VAL B 245 -16.75 25.66 14.62
N SER B 246 -16.85 26.64 15.51
CA SER B 246 -17.53 26.33 16.74
C SER B 246 -19.06 26.13 16.55
N LYS B 247 -19.63 26.79 15.54
CA LYS B 247 -21.02 26.51 15.19
C LYS B 247 -21.13 25.09 14.67
N ILE B 248 -20.14 24.67 13.87
CA ILE B 248 -20.11 23.29 13.36
C ILE B 248 -20.03 22.35 14.56
N LEU B 249 -19.12 22.63 15.49
CA LEU B 249 -18.88 21.74 16.65
C LEU B 249 -20.14 21.65 17.50
N ASN B 250 -20.81 22.78 17.63
CA ASN B 250 -22.07 22.84 18.38
C ASN B 250 -23.17 21.96 17.74
N HIS B 251 -23.34 22.01 16.42
CA HIS B 251 -24.36 21.15 15.73
C HIS B 251 -23.97 19.68 15.79
N TYR B 252 -22.66 19.45 15.84
CA TYR B 252 -22.08 18.14 15.96
C TYR B 252 -22.31 17.55 17.35
N LYS B 253 -22.69 18.37 18.32
CA LYS B 253 -22.86 17.91 19.71
C LYS B 253 -21.51 17.44 20.28
N HIS B 254 -20.48 18.25 20.05
CA HIS B 254 -19.11 17.92 20.43
C HIS B 254 -18.86 18.12 21.90
N LYS B 255 -18.30 17.10 22.54
CA LYS B 255 -18.26 17.07 24.00
C LYS B 255 -17.06 17.77 24.59
N ASP B 256 -16.04 17.96 23.77
CA ASP B 256 -14.74 18.34 24.28
C ASP B 256 -14.07 19.39 23.39
N ILE B 257 -14.70 20.54 23.24
CA ILE B 257 -14.13 21.64 22.41
C ILE B 257 -12.70 22.10 22.82
N PRO B 258 -12.41 22.27 24.13
CA PRO B 258 -11.01 22.48 24.54
C PRO B 258 -9.96 21.51 23.95
N THR B 259 -10.22 20.19 23.97
CA THR B 259 -9.37 19.19 23.29
C THR B 259 -9.22 19.51 21.79
N VAL B 260 -10.32 19.88 21.14
CA VAL B 260 -10.25 20.22 19.72
C VAL B 260 -9.28 21.38 19.49
N LEU B 261 -9.46 22.47 20.25
CA LEU B 261 -8.56 23.62 20.25
C LEU B 261 -7.08 23.29 20.49
N GLU B 262 -6.82 22.47 21.52
CA GLU B 262 -5.49 21.95 21.82
C GLU B 262 -4.86 21.17 20.65
N LYS B 263 -5.63 20.31 19.98
CA LYS B 263 -5.07 19.57 18.84
C LYS B 263 -4.78 20.52 17.68
N TYR B 264 -5.62 21.53 17.50
CA TYR B 264 -5.40 22.44 16.41
C TYR B 264 -4.05 23.13 16.63
N ARG B 265 -3.82 23.61 17.86
CA ARG B 265 -2.57 24.32 18.24
C ARG B 265 -1.30 23.47 18.05
N MET B 266 -1.37 22.19 18.39
CA MET B 266 -0.20 21.38 18.23
C MET B 266 0.09 21.15 16.74
N LYS B 267 -0.97 20.87 15.97
CA LYS B 267 -0.94 20.77 14.51
C LYS B 267 -0.36 22.03 13.85
N GLU B 268 -0.73 23.20 14.38
CA GLU B 268 -0.22 24.48 13.88
C GLU B 268 1.30 24.53 13.95
N LYS B 269 1.84 24.15 15.11
CA LYS B 269 3.30 24.12 15.34
C LYS B 269 4.00 22.93 14.63
N TYR B 270 3.22 21.89 14.36
CA TYR B 270 3.74 20.72 13.71
C TYR B 270 3.98 20.93 12.23
N TRP B 271 3.39 21.98 11.67
CA TRP B 271 3.41 22.22 10.23
C TRP B 271 4.79 22.15 9.57
N SER B 272 5.82 22.75 10.17
CA SER B 272 7.18 22.69 9.63
C SER B 272 7.74 21.29 9.45
N PHE B 273 7.50 20.41 10.42
CA PHE B 273 7.91 19.02 10.34
C PHE B 273 7.15 18.25 9.25
N GLU B 274 5.86 18.50 9.10
CA GLU B 274 5.13 17.90 8.02
C GLU B 274 5.60 18.39 6.67
N LYS B 275 5.92 19.67 6.54
CA LYS B 275 6.47 20.15 5.27
C LYS B 275 7.68 19.32 4.89
N ILE B 276 8.65 19.21 5.80
CA ILE B 276 9.84 18.37 5.62
C ILE B 276 9.53 16.95 5.17
N ILE B 277 8.66 16.24 5.92
CA ILE B 277 8.33 14.85 5.63
C ILE B 277 7.53 14.75 4.36
N TYR B 278 6.42 15.48 4.32
CA TYR B 278 5.60 15.52 3.12
C TYR B 278 6.41 15.99 1.89
N GLY B 279 7.26 17.00 2.08
CA GLY B 279 8.13 17.48 1.00
C GLY B 279 8.80 16.30 0.31
N LYS B 280 9.42 15.42 1.12
CA LYS B 280 10.20 14.28 0.61
C LYS B 280 9.33 13.08 0.14
N GLU B 281 8.29 12.76 0.91
CA GLU B 281 7.42 11.61 0.60
C GLU B 281 6.61 11.88 -0.64
N TYR B 282 6.37 13.16 -0.92
CA TYR B 282 5.72 13.59 -2.15
C TYR B 282 6.67 14.35 -3.11
N GLY B 283 8.00 14.28 -2.91
CA GLY B 283 8.97 15.01 -3.77
C GLY B 283 8.56 16.43 -4.25
N TYR B 284 8.26 17.32 -3.30
CA TYR B 284 8.15 18.75 -3.55
C TYR B 284 9.26 19.40 -2.73
N MET B 285 10.41 19.70 -3.36
CA MET B 285 11.58 20.16 -2.59
C MET B 285 11.49 21.55 -1.91
N ASP B 286 10.51 22.35 -2.27
CA ASP B 286 10.35 23.72 -1.74
C ASP B 286 9.73 23.72 -0.34
N TRP B 287 8.75 22.83 -0.17
CA TRP B 287 8.22 22.46 1.13
C TRP B 287 9.34 22.00 2.02
N TYR B 288 10.14 21.04 1.55
CA TYR B 288 11.26 20.53 2.38
C TYR B 288 12.24 21.62 2.78
N GLU B 289 12.68 22.41 1.80
CA GLU B 289 13.62 23.49 2.04
C GLU B 289 13.03 24.50 3.00
N GLU B 290 11.73 24.75 2.86
CA GLU B 290 11.08 25.75 3.68
C GLU B 290 10.91 25.30 5.13
N GLY B 291 10.47 24.04 5.32
CA GLY B 291 10.35 23.45 6.63
C GLY B 291 11.68 23.48 7.34
N LEU B 292 12.72 23.03 6.62
CA LEU B 292 14.07 22.97 7.15
C LEU B 292 14.55 24.29 7.74
N ASN B 293 14.29 25.34 6.97
CA ASN B 293 14.69 26.67 7.35
C ASN B 293 13.90 27.13 8.58
N GLU B 294 12.60 26.84 8.59
CA GLU B 294 11.73 27.05 9.76
C GLU B 294 12.21 26.39 11.04
N ILE B 295 12.83 25.22 10.95
CA ILE B 295 13.34 24.59 12.16
C ILE B 295 14.61 25.30 12.64
N ARG B 296 15.46 25.75 11.71
CA ARG B 296 16.64 26.57 12.06
C ARG B 296 16.35 27.98 12.60
N SER B 297 15.08 28.35 12.75
CA SER B 297 14.65 29.60 13.43
C SER B 297 13.27 29.41 14.11
N ILE B 298 13.11 28.26 14.78
CA ILE B 298 11.81 27.78 15.26
C ILE B 298 11.09 28.74 16.20
O5' ADN C . 16.42 -11.47 -4.30
C5' ADN C . 17.14 -12.27 -5.27
C4' ADN C . 18.35 -13.06 -4.70
O4' ADN C . 19.47 -12.37 -3.94
C3' ADN C . 17.89 -14.17 -3.66
O3' ADN C . 17.03 -15.24 -4.19
C2' ADN C . 19.25 -14.65 -2.95
O2' ADN C . 20.25 -15.33 -3.70
C1' ADN C . 19.78 -13.29 -2.71
N9 ADN C . 19.41 -12.79 -1.31
C8 ADN C . 18.46 -11.94 -0.87
N7 ADN C . 18.63 -11.78 0.45
C5 ADN C . 19.69 -12.51 0.81
C6 ADN C . 20.30 -12.71 2.00
N6 ADN C . 19.78 -12.07 3.03
N1 ADN C . 21.38 -13.50 2.12
C2 ADN C . 21.89 -14.17 1.01
N3 ADN C . 21.25 -13.97 -0.21
C4 ADN C . 20.18 -13.13 -0.28
O5' ADN D . -9.44 18.44 -7.15
C5' ADN D . -10.23 19.63 -6.91
C4' ADN D . -10.61 20.38 -8.23
O4' ADN D . -11.24 19.68 -9.39
C3' ADN D . -11.67 21.50 -7.94
O3' ADN D . -11.59 22.46 -8.98
C2' ADN D . -12.99 20.79 -8.02
O2' ADN D . -14.00 21.71 -8.51
C1' ADN D . -12.69 19.72 -9.08
N9 ADN D . -13.17 18.32 -8.81
C8 ADN D . -12.53 17.17 -8.53
N7 ADN D . -13.43 16.19 -8.45
C5 ADN D . -14.64 16.73 -8.71
C6 ADN D . -15.88 16.20 -8.77
N6 ADN D . -16.03 14.89 -8.57
N1 ADN D . -16.94 16.98 -9.06
C2 ADN D . -16.75 18.34 -9.29
N3 ADN D . -15.46 18.87 -9.23
C4 ADN D . -14.45 18.03 -8.94
#